data_6MM5
#
_entry.id   6MM5
#
_cell.length_a   54.861
_cell.length_b   74.881
_cell.length_c   98.561
_cell.angle_alpha   90.000
_cell.angle_beta   90.000
_cell.angle_gamma   90.000
#
_symmetry.space_group_name_H-M   'P 21 21 21'
#
loop_
_entity.id
_entity.type
_entity.pdbx_description
1 polymer 'cAMP-dependent protein kinase catalytic subunit alpha'
2 polymer 'Ryanodine receptor 2'
3 non-polymer 'MAGNESIUM ION'
4 non-polymer 'PHOSPHOAMINOPHOSPHONIC ACID-ADENYLATE ESTER'
5 non-polymer 1,2-ETHANEDIOL
6 water water
#
loop_
_entity_poly.entity_id
_entity_poly.type
_entity_poly.pdbx_seq_one_letter_code
_entity_poly.pdbx_strand_id
1 'polypeptide(L)'
;SNAVKEFLAKAKEDFLKKWETPSQNTAQLDQFDRIKTLGTGSFGRVMLVKHKESGNHYAMKILDKQKVVKLKQIEHTLNE
KRILQAVNFPFLVKLEFSFKDNSNLYMVMEYVAGGEMFSHLRRIGRFSEPHARFYAAQIVLTFEYLHSLDLIYRDLKPEN
LLIDQQGYIQVTDFGFAKRVKGRTW(TPO)LCGTPEYLAPEIILSKGYNKAVDWWALGVLIYEMAAGYPPFFADQPIQIY
EKIVSGKVRFPSHFSSDLKDLLRNLLQVDLTKRFGNLKNGVNDIKNHKWFATTDWIAIYQRKVEAPFIPKFKGPGDTSNF
DDYEEEEIRV(SEP)INEKCGKEFTEF
;
E
2 'polypeptide(L)' LYNRTRRISQTS C
#
loop_
_chem_comp.id
_chem_comp.type
_chem_comp.name
_chem_comp.formula
ANP non-polymer 'PHOSPHOAMINOPHOSPHONIC ACID-ADENYLATE ESTER' 'C10 H17 N6 O12 P3'
EDO non-polymer 1,2-ETHANEDIOL 'C2 H6 O2'
MG non-polymer 'MAGNESIUM ION' 'Mg 2'
#
# COMPACT_ATOMS: atom_id res chain seq x y z
N ASN A 2 -3.34 -26.54 0.50
CA ASN A 2 -4.42 -27.05 1.42
C ASN A 2 -4.28 -26.35 2.78
N ALA A 3 -3.06 -26.31 3.33
CA ALA A 3 -2.70 -25.51 4.53
C ALA A 3 -3.01 -24.03 4.29
N VAL A 4 -2.91 -23.58 3.03
CA VAL A 4 -3.20 -22.17 2.62
C VAL A 4 -4.71 -21.89 2.74
N LYS A 5 -5.56 -22.79 2.23
CA LYS A 5 -7.04 -22.62 2.19
C LYS A 5 -7.62 -22.53 3.62
N GLU A 6 -7.00 -23.24 4.57
CA GLU A 6 -7.49 -23.29 5.97
C GLU A 6 -6.98 -22.05 6.71
N PHE A 7 -5.75 -21.61 6.45
CA PHE A 7 -5.23 -20.35 7.02
C PHE A 7 -6.14 -19.18 6.58
N LEU A 8 -6.50 -19.11 5.28
CA LEU A 8 -7.30 -17.97 4.71
C LEU A 8 -8.76 -18.07 5.15
N ALA A 9 -9.28 -19.28 5.36
CA ALA A 9 -10.63 -19.48 5.92
C ALA A 9 -10.71 -18.87 7.31
N LYS A 10 -9.70 -19.18 8.13
CA LYS A 10 -9.53 -18.63 9.50
C LYS A 10 -9.50 -17.09 9.39
N ALA A 11 -8.58 -16.58 8.57
CA ALA A 11 -8.33 -15.12 8.35
C ALA A 11 -9.62 -14.38 8.00
N LYS A 12 -10.48 -14.98 7.17
CA LYS A 12 -11.78 -14.40 6.72
CA LYS A 12 -11.77 -14.40 6.72
C LYS A 12 -12.72 -14.22 7.92
N GLU A 13 -12.71 -15.20 8.84
CA GLU A 13 -13.57 -15.16 10.05
C GLU A 13 -13.15 -13.97 10.93
N ASP A 14 -11.85 -13.89 11.25
CA ASP A 14 -11.27 -12.77 12.04
C ASP A 14 -11.61 -11.44 11.39
N PHE A 15 -11.31 -11.33 10.10
CA PHE A 15 -11.53 -10.07 9.37
C PHE A 15 -12.99 -9.69 9.56
N LEU A 16 -13.89 -10.64 9.37
CA LEU A 16 -15.35 -10.34 9.36
C LEU A 16 -15.85 -9.91 10.74
N LYS A 17 -15.36 -10.49 11.83
CA LYS A 17 -15.79 -10.07 13.20
C LYS A 17 -15.41 -8.59 13.41
N LYS A 18 -14.15 -8.24 13.15
CA LYS A 18 -13.65 -6.85 13.33
C LYS A 18 -14.36 -5.90 12.36
N TRP A 19 -14.58 -6.34 11.12
CA TRP A 19 -15.32 -5.52 10.12
C TRP A 19 -16.70 -5.16 10.68
N GLU A 20 -17.38 -6.15 11.26
CA GLU A 20 -18.78 -5.99 11.73
C GLU A 20 -18.79 -5.10 12.99
N THR A 21 -17.83 -5.28 13.89
CA THR A 21 -17.78 -4.55 15.18
C THR A 21 -16.48 -3.77 15.28
N PRO A 22 -16.36 -2.61 14.62
CA PRO A 22 -15.08 -1.92 14.51
C PRO A 22 -14.62 -1.27 15.82
N SER A 23 -13.31 -1.35 16.08
CA SER A 23 -12.61 -0.55 17.12
C SER A 23 -12.88 0.95 16.89
N GLN A 24 -13.27 1.66 17.95
CA GLN A 24 -13.51 3.11 17.93
C GLN A 24 -12.85 3.74 19.17
N ASN A 25 -12.21 4.89 18.98
CA ASN A 25 -11.88 5.84 20.07
C ASN A 25 -11.06 5.12 21.16
N THR A 26 -9.86 4.65 20.84
CA THR A 26 -9.03 3.80 21.73
C THR A 26 -7.85 4.60 22.29
N ALA A 27 -7.79 5.90 22.02
CA ALA A 27 -6.79 6.85 22.60
C ALA A 27 -7.23 8.29 22.40
N GLN A 28 -6.35 9.24 22.75
CA GLN A 28 -6.59 10.68 22.51
C GLN A 28 -5.26 11.41 22.27
N LEU A 29 -5.36 12.56 21.61
CA LEU A 29 -4.20 13.35 21.12
C LEU A 29 -3.20 13.60 22.25
N ASP A 30 -3.67 13.94 23.45
CA ASP A 30 -2.77 14.45 24.52
C ASP A 30 -2.06 13.28 25.21
N GLN A 31 -2.23 12.03 24.74
CA GLN A 31 -1.41 10.88 25.22
C GLN A 31 -0.14 10.77 24.38
N PHE A 32 0.04 11.61 23.36
CA PHE A 32 1.22 11.53 22.46
C PHE A 32 1.93 12.88 22.34
N ASP A 33 3.25 12.84 22.30
CA ASP A 33 4.11 13.94 21.82
C ASP A 33 4.27 13.82 20.30
N ARG A 34 4.19 14.93 19.58
CA ARG A 34 4.38 14.93 18.12
C ARG A 34 5.83 15.31 17.88
N ILE A 35 6.46 14.65 16.94
CA ILE A 35 7.92 14.75 16.75
C ILE A 35 8.22 15.33 15.37
N LYS A 36 7.61 14.79 14.33
CA LYS A 36 8.04 15.14 12.95
C LYS A 36 7.02 14.63 11.95
N THR A 37 6.80 15.42 10.89
CA THR A 37 5.97 15.03 9.72
C THR A 37 6.74 14.05 8.83
N LEU A 38 6.14 12.90 8.55
CA LEU A 38 6.74 11.80 7.73
C LEU A 38 6.17 11.82 6.31
N GLY A 39 5.00 12.40 6.17
CA GLY A 39 4.27 12.32 4.89
C GLY A 39 3.09 13.25 4.92
N THR A 40 2.59 13.59 3.75
CA THR A 40 1.46 14.53 3.62
C THR A 40 0.50 14.03 2.55
N GLY A 41 -0.75 14.45 2.66
CA GLY A 41 -1.80 14.16 1.67
C GLY A 41 -2.71 15.36 1.56
N SER A 42 -3.75 15.26 0.74
CA SER A 42 -4.56 16.46 0.41
C SER A 42 -5.38 16.85 1.63
N PHE A 43 -5.71 15.93 2.54
CA PHE A 43 -6.54 16.29 3.73
C PHE A 43 -5.80 16.02 5.04
N GLY A 44 -4.48 15.88 4.99
CA GLY A 44 -3.72 15.81 6.25
C GLY A 44 -2.28 15.41 6.10
N ARG A 45 -1.79 14.75 7.14
CA ARG A 45 -0.37 14.44 7.27
C ARG A 45 -0.21 13.20 8.12
N VAL A 46 0.95 12.59 7.99
CA VAL A 46 1.36 11.50 8.90
C VAL A 46 2.53 12.02 9.72
N MET A 47 2.46 11.82 11.03
CA MET A 47 3.53 12.31 11.94
C MET A 47 4.11 11.19 12.77
N LEU A 48 5.43 11.23 12.97
CA LEU A 48 6.02 10.42 14.06
C LEU A 48 5.54 11.03 15.38
N VAL A 49 5.04 10.17 16.26
CA VAL A 49 4.61 10.56 17.62
C VAL A 49 5.18 9.55 18.59
N LYS A 50 5.24 9.94 19.86
CA LYS A 50 5.70 9.06 20.96
C LYS A 50 4.61 9.04 22.03
N HIS A 51 4.13 7.84 22.34
CA HIS A 51 3.18 7.62 23.45
C HIS A 51 3.90 8.00 24.74
N LYS A 52 3.35 8.95 25.49
CA LYS A 52 4.03 9.52 26.69
C LYS A 52 4.23 8.44 27.78
N GLU A 53 3.24 7.59 28.00
CA GLU A 53 3.28 6.61 29.13
C GLU A 53 4.24 5.45 28.82
N SER A 54 4.11 4.83 27.64
CA SER A 54 4.90 3.63 27.24
C SER A 54 6.25 4.04 26.65
N GLY A 55 6.36 5.25 26.10
CA GLY A 55 7.55 5.68 25.35
C GLY A 55 7.61 5.08 23.95
N ASN A 56 6.60 4.35 23.51
CA ASN A 56 6.63 3.73 22.15
C ASN A 56 6.38 4.80 21.09
N HIS A 57 7.05 4.68 19.97
CA HIS A 57 6.81 5.55 18.78
C HIS A 57 5.74 4.90 17.92
N TYR A 58 4.97 5.76 17.28
CA TYR A 58 3.90 5.39 16.34
C TYR A 58 3.89 6.39 15.18
N ALA A 59 3.30 5.97 14.07
CA ALA A 59 2.96 6.87 12.94
C ALA A 59 1.48 7.22 13.03
N MET A 60 1.22 8.51 13.12
CA MET A 60 -0.12 9.04 13.38
C MET A 60 -0.59 9.74 12.12
N LYS A 61 -1.63 9.19 11.51
CA LYS A 61 -2.21 9.78 10.29
C LYS A 61 -3.34 10.70 10.75
N ILE A 62 -3.25 11.97 10.38
CA ILE A 62 -4.22 13.02 10.81
C ILE A 62 -5.01 13.48 9.59
N LEU A 63 -6.33 13.41 9.64
CA LEU A 63 -7.21 13.85 8.52
C LEU A 63 -8.10 15.00 8.98
N ASP A 64 -8.07 16.10 8.26
CA ASP A 64 -8.91 17.30 8.56
C ASP A 64 -10.34 17.00 8.10
N LYS A 65 -11.28 16.86 9.02
CA LYS A 65 -12.66 16.46 8.67
C LYS A 65 -13.23 17.48 7.66
N GLN A 66 -12.98 18.78 7.86
CA GLN A 66 -13.56 19.82 6.98
C GLN A 66 -13.06 19.58 5.55
N LYS A 67 -11.75 19.33 5.36
CA LYS A 67 -11.18 19.09 4.01
C LYS A 67 -11.68 17.76 3.43
N VAL A 68 -11.93 16.76 4.29
CA VAL A 68 -12.45 15.45 3.83
C VAL A 68 -13.85 15.66 3.25
N VAL A 69 -14.73 16.35 3.99
CA VAL A 69 -16.12 16.63 3.52
C VAL A 69 -16.03 17.49 2.25
N LYS A 70 -15.21 18.53 2.28
CA LYS A 70 -15.08 19.53 1.19
C LYS A 70 -14.67 18.85 -0.12
N LEU A 71 -13.89 17.77 -0.07
CA LEU A 71 -13.38 17.08 -1.29
C LEU A 71 -14.18 15.79 -1.51
N LYS A 72 -15.30 15.63 -0.82
CA LYS A 72 -16.26 14.53 -1.06
C LYS A 72 -15.57 13.17 -0.97
N GLN A 73 -14.68 12.98 0.02
CA GLN A 73 -14.04 11.66 0.26
C GLN A 73 -14.41 11.14 1.64
N ILE A 74 -15.62 11.44 2.12
CA ILE A 74 -16.10 11.05 3.48
C ILE A 74 -16.10 9.52 3.59
N GLU A 75 -16.66 8.84 2.59
CA GLU A 75 -16.77 7.36 2.56
C GLU A 75 -15.38 6.74 2.55
N HIS A 76 -14.48 7.35 1.80
CA HIS A 76 -13.15 6.80 1.45
C HIS A 76 -12.32 6.66 2.74
N THR A 77 -12.43 7.66 3.61
CA THR A 77 -11.69 7.76 4.88
C THR A 77 -12.34 6.84 5.93
N LEU A 78 -13.67 6.82 6.01
CA LEU A 78 -14.38 5.92 6.97
C LEU A 78 -14.00 4.48 6.64
N ASN A 79 -13.98 4.22 5.35
CA ASN A 79 -13.65 2.92 4.77
C ASN A 79 -12.18 2.53 5.03
N GLU A 80 -11.25 3.43 4.72
CA GLU A 80 -9.79 3.22 4.99
C GLU A 80 -9.63 2.70 6.44
N LYS A 81 -10.23 3.38 7.40
CA LYS A 81 -10.05 3.05 8.85
C LYS A 81 -10.74 1.71 9.16
N ARG A 82 -11.89 1.46 8.55
CA ARG A 82 -12.66 0.23 8.85
C ARG A 82 -11.87 -1.00 8.41
N ILE A 83 -11.23 -0.91 7.26
CA ILE A 83 -10.41 -2.02 6.72
C ILE A 83 -9.17 -2.19 7.59
N LEU A 84 -8.43 -1.10 7.80
CA LEU A 84 -7.16 -1.14 8.53
C LEU A 84 -7.37 -1.78 9.91
N GLN A 85 -8.45 -1.43 10.60
CA GLN A 85 -8.70 -1.97 11.98
C GLN A 85 -9.03 -3.46 11.87
N ALA A 86 -9.38 -3.97 10.68
CA ALA A 86 -9.91 -5.35 10.47
C ALA A 86 -8.85 -6.35 9.97
N VAL A 87 -7.71 -5.90 9.45
CA VAL A 87 -6.77 -6.83 8.76
C VAL A 87 -5.62 -7.20 9.66
N ASN A 88 -4.97 -8.31 9.34
CA ASN A 88 -3.86 -8.83 10.15
C ASN A 88 -3.02 -9.72 9.26
N PHE A 89 -1.82 -9.25 8.92
CA PHE A 89 -0.91 -9.99 8.03
C PHE A 89 0.49 -9.48 8.28
N PRO A 90 1.53 -10.34 8.18
CA PRO A 90 2.90 -9.95 8.53
C PRO A 90 3.47 -8.81 7.68
N PHE A 91 2.89 -8.52 6.51
CA PHE A 91 3.40 -7.44 5.64
C PHE A 91 2.38 -6.30 5.56
N LEU A 92 1.45 -6.22 6.51
CA LEU A 92 0.51 -5.08 6.58
C LEU A 92 0.83 -4.34 7.88
N VAL A 93 0.95 -3.01 7.78
CA VAL A 93 1.12 -2.12 8.96
C VAL A 93 -0.09 -2.30 9.90
N LYS A 94 0.16 -2.37 11.20
CA LYS A 94 -0.90 -2.60 12.19
C LYS A 94 -1.42 -1.25 12.69
N LEU A 95 -2.74 -1.07 12.66
CA LEU A 95 -3.38 0.04 13.40
C LEU A 95 -3.37 -0.32 14.88
N GLU A 96 -2.97 0.60 15.74
CA GLU A 96 -2.88 0.36 17.21
C GLU A 96 -4.02 1.09 17.93
N PHE A 97 -4.31 2.31 17.49
CA PHE A 97 -5.33 3.20 18.11
C PHE A 97 -6.00 4.02 17.01
N SER A 98 -7.21 4.49 17.27
CA SER A 98 -7.86 5.51 16.43
C SER A 98 -8.80 6.34 17.28
N PHE A 99 -9.01 7.59 16.88
CA PHE A 99 -9.90 8.52 17.59
C PHE A 99 -10.15 9.73 16.70
N LYS A 100 -11.05 10.57 17.16
CA LYS A 100 -11.35 11.84 16.48
C LYS A 100 -11.52 12.92 17.55
N ASP A 101 -11.48 14.17 17.10
CA ASP A 101 -11.75 15.34 17.95
C ASP A 101 -12.59 16.34 17.14
N ASN A 102 -12.64 17.58 17.60
CA ASN A 102 -13.47 18.64 16.99
C ASN A 102 -13.15 18.76 15.50
N SER A 103 -11.86 18.72 15.12
CA SER A 103 -11.42 19.05 13.73
C SER A 103 -10.96 17.81 12.96
N ASN A 104 -10.35 16.81 13.63
CA ASN A 104 -9.53 15.81 12.90
C ASN A 104 -9.94 14.37 13.22
N LEU A 105 -9.63 13.50 12.26
CA LEU A 105 -9.52 12.02 12.45
C LEU A 105 -8.06 11.64 12.61
N TYR A 106 -7.83 10.60 13.39
CA TYR A 106 -6.48 10.16 13.76
C TYR A 106 -6.44 8.64 13.67
N MET A 107 -5.48 8.13 12.92
CA MET A 107 -5.15 6.68 12.92
C MET A 107 -3.70 6.52 13.34
N VAL A 108 -3.50 5.82 14.44
CA VAL A 108 -2.16 5.62 15.03
C VAL A 108 -1.69 4.19 14.71
N MET A 109 -0.68 4.09 13.85
CA MET A 109 -0.09 2.83 13.34
C MET A 109 1.26 2.60 14.04
N GLU A 110 1.73 1.35 14.01
CA GLU A 110 3.15 1.05 14.35
C GLU A 110 4.01 1.90 13.42
N TYR A 111 5.11 2.42 13.94
CA TYR A 111 6.03 3.26 13.16
C TYR A 111 6.99 2.32 12.41
N VAL A 112 7.06 2.47 11.08
CA VAL A 112 7.98 1.68 10.23
C VAL A 112 9.16 2.57 9.86
N ALA A 113 10.28 2.36 10.55
CA ALA A 113 11.36 3.35 10.67
C ALA A 113 12.27 3.36 9.43
N GLY A 114 12.23 2.30 8.61
CA GLY A 114 13.10 2.13 7.44
C GLY A 114 12.72 3.03 6.26
N GLY A 115 11.61 3.76 6.34
CA GLY A 115 11.11 4.63 5.26
C GLY A 115 10.49 3.85 4.10
N GLU A 116 10.33 4.53 2.98
CA GLU A 116 9.57 4.01 1.81
C GLU A 116 10.54 3.24 0.91
N MET A 117 10.06 2.17 0.30
CA MET A 117 10.81 1.46 -0.77
C MET A 117 11.27 2.48 -1.80
N PHE A 118 10.42 3.46 -2.12
CA PHE A 118 10.71 4.52 -3.11
C PHE A 118 12.10 5.11 -2.86
N SER A 119 12.41 5.49 -1.62
CA SER A 119 13.69 6.14 -1.28
C SER A 119 14.85 5.20 -1.64
N HIS A 120 14.80 3.99 -1.09
CA HIS A 120 15.90 3.00 -1.26
C HIS A 120 16.06 2.70 -2.74
N LEU A 121 14.95 2.49 -3.44
CA LEU A 121 14.96 2.16 -4.87
C LEU A 121 15.60 3.30 -5.65
N ARG A 122 15.20 4.53 -5.37
CA ARG A 122 15.75 5.68 -6.15
C ARG A 122 17.25 5.87 -5.83
N ARG A 123 17.62 5.74 -4.56
CA ARG A 123 19.03 5.95 -4.11
C ARG A 123 19.95 4.96 -4.83
N ILE A 124 19.62 3.67 -4.77
CA ILE A 124 20.47 2.59 -5.36
C ILE A 124 20.25 2.53 -6.88
N GLY A 125 19.15 3.10 -7.39
CA GLY A 125 18.84 3.14 -8.84
C GLY A 125 17.91 2.02 -9.23
N ARG A 126 18.36 0.77 -9.07
CA ARG A 126 17.47 -0.40 -9.29
C ARG A 126 17.89 -1.54 -8.37
N PHE A 127 16.98 -2.45 -8.09
CA PHE A 127 17.26 -3.64 -7.26
C PHE A 127 17.70 -4.79 -8.18
N SER A 128 18.62 -5.62 -7.68
CA SER A 128 18.94 -6.95 -8.27
C SER A 128 17.65 -7.78 -8.35
N GLU A 129 17.58 -8.76 -9.24
CA GLU A 129 16.39 -9.63 -9.33
C GLU A 129 16.12 -10.31 -7.98
N PRO A 130 17.11 -10.93 -7.31
CA PRO A 130 16.85 -11.49 -5.97
C PRO A 130 16.24 -10.50 -4.96
N HIS A 131 16.75 -9.28 -4.98
CA HIS A 131 16.26 -8.23 -4.05
C HIS A 131 14.80 -7.91 -4.45
N ALA A 132 14.56 -7.65 -5.72
CA ALA A 132 13.18 -7.37 -6.24
C ALA A 132 12.28 -8.58 -5.96
N ARG A 133 12.81 -9.80 -6.11
CA ARG A 133 12.02 -11.04 -5.90
C ARG A 133 11.60 -11.15 -4.45
N PHE A 134 12.49 -10.81 -3.52
CA PHE A 134 12.22 -10.91 -2.05
C PHE A 134 10.99 -10.04 -1.71
N TYR A 135 10.96 -8.83 -2.22
CA TYR A 135 9.83 -7.89 -1.98
C TYR A 135 8.60 -8.37 -2.73
N ALA A 136 8.77 -8.82 -3.98
CA ALA A 136 7.63 -9.23 -4.82
C ALA A 136 6.87 -10.37 -4.14
N ALA A 137 7.59 -11.30 -3.50
CA ALA A 137 6.94 -12.47 -2.87
C ALA A 137 6.01 -12.00 -1.75
N GLN A 138 6.43 -11.02 -0.96
CA GLN A 138 5.61 -10.47 0.16
C GLN A 138 4.35 -9.80 -0.38
N ILE A 139 4.45 -9.07 -1.49
CA ILE A 139 3.24 -8.48 -2.15
C ILE A 139 2.32 -9.60 -2.67
N VAL A 140 2.89 -10.65 -3.27
CA VAL A 140 2.05 -11.76 -3.80
C VAL A 140 1.26 -12.35 -2.63
N LEU A 141 1.93 -12.65 -1.52
CA LEU A 141 1.24 -13.25 -0.35
C LEU A 141 0.23 -12.24 0.18
N THR A 142 0.56 -10.96 0.17
CA THR A 142 -0.33 -9.95 0.76
C THR A 142 -1.58 -9.79 -0.09
N PHE A 143 -1.45 -9.76 -1.41
CA PHE A 143 -2.64 -9.65 -2.27
C PHE A 143 -3.46 -10.94 -2.17
N GLU A 144 -2.78 -12.08 -2.03
CA GLU A 144 -3.50 -13.38 -1.83
C GLU A 144 -4.42 -13.23 -0.63
N TYR A 145 -3.86 -12.77 0.49
CA TYR A 145 -4.59 -12.47 1.75
C TYR A 145 -5.74 -11.49 1.47
N LEU A 146 -5.45 -10.31 0.95
CA LEU A 146 -6.49 -9.26 0.78
C LEU A 146 -7.62 -9.75 -0.14
N HIS A 147 -7.28 -10.38 -1.24
CA HIS A 147 -8.26 -10.78 -2.28
C HIS A 147 -9.22 -11.81 -1.70
N SER A 148 -8.73 -12.63 -0.76
CA SER A 148 -9.49 -13.72 -0.13
C SER A 148 -10.50 -13.11 0.83
N LEU A 149 -10.34 -11.83 1.16
CA LEU A 149 -11.32 -11.09 1.98
C LEU A 149 -12.21 -10.22 1.09
N ASP A 150 -12.15 -10.37 -0.23
CA ASP A 150 -12.88 -9.53 -1.20
C ASP A 150 -12.39 -8.07 -1.13
N LEU A 151 -11.14 -7.84 -0.74
CA LEU A 151 -10.55 -6.46 -0.77
C LEU A 151 -9.77 -6.29 -2.05
N ILE A 152 -9.98 -5.18 -2.73
CA ILE A 152 -9.01 -4.72 -3.76
C ILE A 152 -8.21 -3.56 -3.14
N TYR A 153 -6.89 -3.56 -3.31
CA TYR A 153 -6.00 -2.55 -2.70
C TYR A 153 -5.96 -1.27 -3.56
N ARG A 154 -5.70 -1.40 -4.86
CA ARG A 154 -5.91 -0.33 -5.88
C ARG A 154 -4.89 0.81 -5.78
N ASP A 155 -3.94 0.81 -4.84
CA ASP A 155 -2.94 1.92 -4.79
C ASP A 155 -1.55 1.41 -4.45
N LEU A 156 -1.06 0.43 -5.20
CA LEU A 156 0.30 -0.09 -5.04
C LEU A 156 1.28 0.93 -5.62
N LYS A 157 2.28 1.29 -4.85
CA LYS A 157 3.42 2.10 -5.34
C LYS A 157 4.57 1.96 -4.37
N PRO A 158 5.83 2.07 -4.84
CA PRO A 158 6.97 2.03 -3.94
C PRO A 158 6.89 3.04 -2.79
N GLU A 159 6.26 4.18 -3.06
CA GLU A 159 6.01 5.26 -2.08
C GLU A 159 5.25 4.78 -0.86
N ASN A 160 4.43 3.74 -1.00
CA ASN A 160 3.55 3.31 0.11
C ASN A 160 3.86 1.87 0.50
N LEU A 161 5.07 1.42 0.21
CA LEU A 161 5.61 0.15 0.73
C LEU A 161 6.79 0.47 1.66
N LEU A 162 6.60 0.33 2.96
CA LEU A 162 7.61 0.73 3.96
C LEU A 162 8.49 -0.48 4.28
N ILE A 163 9.73 -0.20 4.67
CA ILE A 163 10.75 -1.23 4.98
C ILE A 163 10.96 -1.22 6.49
N ASP A 164 10.73 -2.34 7.15
CA ASP A 164 10.83 -2.40 8.63
C ASP A 164 12.27 -2.68 9.03
N GLN A 165 12.49 -2.79 10.34
CA GLN A 165 13.83 -2.97 10.95
C GLN A 165 14.44 -4.32 10.56
N GLN A 166 13.65 -5.25 10.03
CA GLN A 166 14.17 -6.56 9.55
C GLN A 166 14.33 -6.54 8.03
N GLY A 167 13.99 -5.42 7.38
CA GLY A 167 14.10 -5.26 5.92
C GLY A 167 12.97 -5.91 5.14
N TYR A 168 11.88 -6.26 5.83
CA TYR A 168 10.62 -6.76 5.22
C TYR A 168 9.68 -5.59 4.93
N ILE A 169 8.66 -5.88 4.11
CA ILE A 169 7.64 -4.89 3.67
C ILE A 169 6.59 -4.74 4.75
N GLN A 170 6.16 -3.50 4.96
CA GLN A 170 4.88 -3.18 5.61
C GLN A 170 4.10 -2.31 4.63
N VAL A 171 3.04 -2.87 4.07
CA VAL A 171 2.13 -2.08 3.18
C VAL A 171 1.38 -1.08 4.04
N THR A 172 1.38 0.19 3.63
CA THR A 172 0.61 1.26 4.28
C THR A 172 -0.44 1.81 3.32
N ASP A 173 -1.45 2.44 3.89
CA ASP A 173 -2.39 3.32 3.16
C ASP A 173 -3.39 2.49 2.35
N PHE A 174 -4.49 2.21 3.04
CA PHE A 174 -5.72 1.59 2.48
C PHE A 174 -6.71 2.67 2.03
N GLY A 175 -6.21 3.86 1.69
CA GLY A 175 -7.00 5.02 1.22
C GLY A 175 -7.93 4.69 0.08
N PHE A 176 -7.51 3.82 -0.83
CA PHE A 176 -8.30 3.44 -2.02
C PHE A 176 -8.78 1.99 -1.93
N ALA A 177 -8.48 1.30 -0.83
CA ALA A 177 -8.87 -0.12 -0.72
C ALA A 177 -10.39 -0.19 -0.61
N LYS A 178 -10.97 -1.28 -1.11
CA LYS A 178 -12.43 -1.40 -1.17
C LYS A 178 -12.85 -2.86 -1.13
N ARG A 179 -13.88 -3.13 -0.34
CA ARG A 179 -14.51 -4.46 -0.30
C ARG A 179 -15.40 -4.58 -1.53
N VAL A 180 -15.15 -5.56 -2.38
CA VAL A 180 -15.88 -5.70 -3.67
C VAL A 180 -16.20 -7.17 -3.90
N LYS A 181 -17.47 -7.47 -4.11
CA LYS A 181 -17.90 -8.86 -4.38
C LYS A 181 -17.72 -9.15 -5.87
N GLY A 182 -18.18 -8.29 -6.76
CA GLY A 182 -17.96 -8.58 -8.18
C GLY A 182 -16.98 -7.61 -8.79
N ARG A 183 -17.56 -6.58 -9.37
CA ARG A 183 -16.86 -5.54 -10.11
C ARG A 183 -17.10 -4.22 -9.39
N THR A 184 -16.18 -3.29 -9.60
CA THR A 184 -16.37 -1.88 -9.17
C THR A 184 -15.85 -1.03 -10.31
N TRP A 185 -16.08 0.27 -10.23
CA TRP A 185 -15.90 1.14 -11.39
C TRP A 185 -15.04 2.36 -11.07
N TPO A 186 -14.67 2.60 -9.81
CA TPO A 186 -14.05 3.88 -9.52
CB TPO A 186 -13.88 4.09 -8.01
CG2 TPO A 186 -13.31 5.45 -7.69
OG1 TPO A 186 -15.19 4.03 -7.44
P TPO A 186 -15.39 2.82 -6.44
O1P TPO A 186 -16.87 2.85 -6.24
O2P TPO A 186 -14.65 3.03 -5.13
O3P TPO A 186 -14.87 1.58 -7.13
C TPO A 186 -12.69 4.05 -10.20
O TPO A 186 -11.85 3.15 -10.11
N LEU A 187 -12.52 5.20 -10.84
CA LEU A 187 -11.23 5.65 -11.37
C LEU A 187 -10.36 6.21 -10.23
N CYS A 188 -9.36 5.43 -9.82
CA CYS A 188 -8.43 5.82 -8.73
C CYS A 188 -7.11 5.08 -8.87
N GLY A 189 -6.09 5.65 -8.23
CA GLY A 189 -4.71 5.14 -8.25
C GLY A 189 -3.75 6.26 -8.61
N THR A 190 -2.65 5.92 -9.24
CA THR A 190 -1.65 6.90 -9.75
C THR A 190 -1.44 6.51 -11.21
N PRO A 191 -1.28 7.46 -12.14
CA PRO A 191 -1.25 7.11 -13.56
C PRO A 191 -0.35 5.93 -13.95
N GLU A 192 0.88 5.88 -13.45
CA GLU A 192 1.86 4.85 -13.89
C GLU A 192 1.41 3.46 -13.43
N TYR A 193 0.55 3.34 -12.41
CA TYR A 193 0.14 2.01 -11.86
C TYR A 193 -1.27 1.62 -12.33
N LEU A 194 -1.96 2.49 -13.08
CA LEU A 194 -3.35 2.21 -13.49
C LEU A 194 -3.38 0.98 -14.40
N ALA A 195 -4.22 0.01 -14.07
CA ALA A 195 -4.53 -1.10 -14.99
C ALA A 195 -5.34 -0.56 -16.18
N PRO A 196 -5.20 -1.16 -17.38
CA PRO A 196 -5.87 -0.65 -18.59
C PRO A 196 -7.41 -0.68 -18.46
N GLU A 197 -7.94 -1.68 -17.77
CA GLU A 197 -9.42 -1.79 -17.65
C GLU A 197 -9.92 -0.63 -16.79
N ILE A 198 -9.09 -0.06 -15.90
CA ILE A 198 -9.49 1.14 -15.09
C ILE A 198 -9.48 2.34 -16.02
N ILE A 199 -8.43 2.47 -16.79
CA ILE A 199 -8.28 3.63 -17.72
C ILE A 199 -9.49 3.65 -18.66
N LEU A 200 -9.91 2.48 -19.14
CA LEU A 200 -10.97 2.37 -20.18
C LEU A 200 -12.37 2.39 -19.57
N SER A 201 -12.50 2.64 -18.25
CA SER A 201 -13.79 2.81 -17.50
C SER A 201 -14.64 1.54 -17.64
N LYS A 202 -13.99 0.40 -17.68
CA LYS A 202 -14.72 -0.87 -17.65
C LYS A 202 -14.94 -1.19 -16.18
N GLY A 203 -15.96 -1.95 -15.86
CA GLY A 203 -16.02 -2.53 -14.51
C GLY A 203 -14.83 -3.44 -14.33
N TYR A 204 -14.12 -3.36 -13.20
CA TYR A 204 -12.90 -4.18 -13.00
C TYR A 204 -12.98 -4.94 -11.69
N ASN A 205 -12.04 -5.86 -11.48
CA ASN A 205 -12.02 -6.70 -10.26
C ASN A 205 -10.60 -6.69 -9.66
N LYS A 206 -10.36 -7.62 -8.76
CA LYS A 206 -9.10 -7.77 -8.00
C LYS A 206 -7.91 -7.91 -8.95
N ALA A 207 -8.14 -8.23 -10.23
CA ALA A 207 -7.01 -8.44 -11.18
C ALA A 207 -6.24 -7.14 -11.44
N VAL A 208 -6.82 -5.97 -11.17
CA VAL A 208 -6.07 -4.69 -11.31
C VAL A 208 -4.83 -4.74 -10.38
N ASP A 209 -4.92 -5.43 -9.26
CA ASP A 209 -3.80 -5.52 -8.27
C ASP A 209 -2.67 -6.35 -8.88
N TRP A 210 -2.98 -7.40 -9.66
CA TRP A 210 -1.93 -8.22 -10.32
C TRP A 210 -1.25 -7.45 -11.46
N TRP A 211 -1.99 -6.69 -12.24
CA TRP A 211 -1.38 -5.70 -13.16
C TRP A 211 -0.43 -4.78 -12.39
N ALA A 212 -0.88 -4.20 -11.29
CA ALA A 212 -0.05 -3.25 -10.52
C ALA A 212 1.19 -3.99 -10.01
N LEU A 213 1.08 -5.25 -9.62
CA LEU A 213 2.26 -6.02 -9.17
C LEU A 213 3.30 -6.08 -10.29
N GLY A 214 2.85 -6.29 -11.53
CA GLY A 214 3.72 -6.30 -12.70
C GLY A 214 4.45 -4.98 -12.89
N VAL A 215 3.76 -3.86 -12.68
CA VAL A 215 4.40 -2.52 -12.76
C VAL A 215 5.48 -2.41 -11.66
N LEU A 216 5.14 -2.83 -10.45
CA LEU A 216 6.08 -2.71 -9.30
C LEU A 216 7.36 -3.52 -9.57
N ILE A 217 7.21 -4.77 -9.98
CA ILE A 217 8.36 -5.68 -10.23
C ILE A 217 9.22 -5.09 -11.33
N TYR A 218 8.60 -4.63 -12.42
CA TYR A 218 9.31 -3.98 -13.54
C TYR A 218 10.13 -2.83 -12.95
N GLU A 219 9.47 -1.92 -12.24
CA GLU A 219 10.10 -0.71 -11.70
C GLU A 219 11.22 -1.10 -10.72
N MET A 220 10.99 -2.10 -9.88
CA MET A 220 12.02 -2.49 -8.88
C MET A 220 13.26 -2.98 -9.64
N ALA A 221 13.07 -3.71 -10.74
CA ALA A 221 14.19 -4.38 -11.44
C ALA A 221 14.80 -3.44 -12.48
N ALA A 222 14.09 -2.42 -12.98
CA ALA A 222 14.63 -1.49 -14.01
C ALA A 222 15.12 -0.19 -13.37
N GLY A 223 14.48 0.23 -12.28
CA GLY A 223 14.68 1.56 -11.68
C GLY A 223 13.74 2.60 -12.25
N TYR A 224 12.93 2.22 -13.23
CA TYR A 224 11.86 3.08 -13.79
C TYR A 224 10.71 2.17 -14.19
N PRO A 225 9.47 2.70 -14.28
CA PRO A 225 8.30 1.86 -14.59
C PRO A 225 8.17 1.59 -16.09
N PRO A 226 7.34 0.60 -16.48
CA PRO A 226 7.20 0.25 -17.89
C PRO A 226 6.51 1.29 -18.76
N PHE A 227 5.68 2.13 -18.17
CA PHE A 227 4.88 3.14 -18.93
C PHE A 227 5.04 4.49 -18.29
N PHE A 228 5.66 5.45 -19.01
CA PHE A 228 5.86 6.82 -18.49
C PHE A 228 5.92 7.81 -19.65
N ALA A 229 5.55 9.04 -19.37
CA ALA A 229 5.50 10.17 -20.32
C ALA A 229 5.26 11.44 -19.53
N ASP A 230 5.35 12.60 -20.20
CA ASP A 230 5.24 13.91 -19.52
C ASP A 230 3.77 14.23 -19.28
N GLN A 231 2.84 13.59 -19.99
CA GLN A 231 1.38 13.86 -19.78
C GLN A 231 0.66 12.55 -19.46
N PRO A 232 -0.28 12.51 -18.47
CA PRO A 232 -0.99 11.28 -18.14
C PRO A 232 -1.61 10.56 -19.34
N ILE A 233 -2.25 11.31 -20.24
CA ILE A 233 -2.95 10.69 -21.39
C ILE A 233 -1.93 9.87 -22.20
N GLN A 234 -0.70 10.34 -22.31
CA GLN A 234 0.35 9.61 -23.08
C GLN A 234 0.72 8.31 -22.34
N ILE A 235 0.74 8.35 -21.01
CA ILE A 235 1.00 7.13 -20.20
C ILE A 235 -0.15 6.17 -20.50
N TYR A 236 -1.38 6.67 -20.52
CA TYR A 236 -2.58 5.78 -20.65
C TYR A 236 -2.55 5.10 -22.02
N GLU A 237 -2.12 5.82 -23.06
CA GLU A 237 -2.00 5.24 -24.42
C GLU A 237 -1.03 4.06 -24.36
N LYS A 238 0.12 4.22 -23.69
CA LYS A 238 1.11 3.12 -23.65
C LYS A 238 0.49 1.94 -22.89
N ILE A 239 -0.16 2.23 -21.77
CA ILE A 239 -0.72 1.14 -20.91
C ILE A 239 -1.70 0.29 -21.71
N VAL A 240 -2.64 0.94 -22.40
CA VAL A 240 -3.74 0.19 -23.09
C VAL A 240 -3.18 -0.45 -24.38
N SER A 241 -2.06 0.05 -24.89
CA SER A 241 -1.48 -0.30 -26.22
C SER A 241 -1.25 -1.80 -26.35
N GLY A 242 -0.96 -2.50 -25.25
CA GLY A 242 -0.62 -3.94 -25.26
C GLY A 242 0.85 -4.19 -25.53
N LYS A 243 1.68 -3.14 -25.58
CA LYS A 243 3.14 -3.26 -25.86
C LYS A 243 3.91 -2.87 -24.59
N VAL A 244 4.93 -3.67 -24.24
CA VAL A 244 5.95 -3.39 -23.17
C VAL A 244 7.35 -3.71 -23.73
N ARG A 245 8.33 -2.83 -23.50
CA ARG A 245 9.77 -3.09 -23.77
C ARG A 245 10.48 -3.40 -22.46
N PHE A 246 11.42 -4.32 -22.49
CA PHE A 246 12.22 -4.72 -21.30
C PHE A 246 13.69 -4.35 -21.49
N PRO A 247 14.39 -3.91 -20.43
CA PRO A 247 15.83 -3.78 -20.48
C PRO A 247 16.47 -5.14 -20.80
N SER A 248 17.59 -5.11 -21.52
CA SER A 248 18.27 -6.34 -21.98
C SER A 248 18.88 -7.06 -20.78
N HIS A 249 19.16 -6.33 -19.68
CA HIS A 249 19.67 -6.94 -18.43
C HIS A 249 18.61 -7.79 -17.74
N PHE A 250 17.32 -7.62 -18.04
CA PHE A 250 16.25 -8.46 -17.45
C PHE A 250 16.50 -9.91 -17.83
N SER A 251 16.37 -10.82 -16.86
CA SER A 251 16.37 -12.29 -17.10
C SER A 251 15.16 -12.65 -17.98
N SER A 252 15.29 -13.75 -18.73
CA SER A 252 14.18 -14.31 -19.58
C SER A 252 12.99 -14.72 -18.71
N ASP A 253 13.24 -15.25 -17.52
CA ASP A 253 12.14 -15.63 -16.59
C ASP A 253 11.41 -14.35 -16.12
N LEU A 254 12.14 -13.27 -15.82
CA LEU A 254 11.48 -12.01 -15.38
C LEU A 254 10.62 -11.49 -16.53
N LYS A 255 11.16 -11.44 -17.74
CA LYS A 255 10.38 -10.92 -18.90
C LYS A 255 9.09 -11.73 -19.06
N ASP A 256 9.20 -13.04 -18.90
CA ASP A 256 8.03 -13.93 -19.09
C ASP A 256 6.99 -13.60 -18.02
N LEU A 257 7.42 -13.53 -16.77
CA LEU A 257 6.48 -13.25 -15.68
C LEU A 257 5.81 -11.91 -15.98
N LEU A 258 6.58 -10.91 -16.36
CA LEU A 258 6.04 -9.54 -16.55
C LEU A 258 5.11 -9.53 -17.77
N ARG A 259 5.42 -10.29 -18.83
CA ARG A 259 4.48 -10.31 -19.99
C ARG A 259 3.13 -10.88 -19.54
N ASN A 260 3.15 -11.78 -18.57
CA ASN A 260 1.93 -12.47 -18.06
C ASN A 260 1.18 -11.59 -17.03
N LEU A 261 1.85 -10.72 -16.29
CA LEU A 261 1.15 -9.82 -15.35
C LEU A 261 0.68 -8.57 -16.09
N LEU A 262 1.51 -8.03 -16.98
CA LEU A 262 1.18 -6.83 -17.78
C LEU A 262 0.43 -7.26 -19.03
N GLN A 263 -0.56 -8.12 -18.83
CA GLN A 263 -1.44 -8.60 -19.90
C GLN A 263 -2.70 -7.72 -19.91
N VAL A 264 -2.91 -6.98 -20.99
CA VAL A 264 -4.11 -6.14 -21.20
C VAL A 264 -5.35 -7.03 -21.22
N ASP A 265 -5.21 -8.23 -21.76
CA ASP A 265 -6.34 -9.18 -21.94
C ASP A 265 -6.56 -9.95 -20.63
N LEU A 266 -7.73 -9.77 -20.02
CA LEU A 266 -8.00 -10.28 -18.65
C LEU A 266 -8.15 -11.80 -18.64
N THR A 267 -8.50 -12.38 -19.78
CA THR A 267 -8.64 -13.86 -19.90
C THR A 267 -7.24 -14.46 -19.85
N LYS A 268 -6.19 -13.64 -20.02
CA LYS A 268 -4.80 -14.16 -20.09
C LYS A 268 -3.94 -13.67 -18.91
N ARG A 269 -4.43 -12.81 -18.01
CA ARG A 269 -3.56 -12.17 -16.99
C ARG A 269 -3.27 -13.14 -15.84
N PHE A 270 -1.99 -13.32 -15.50
CA PHE A 270 -1.63 -14.14 -14.32
C PHE A 270 -2.25 -13.51 -13.09
N GLY A 271 -2.79 -14.35 -12.22
CA GLY A 271 -3.56 -13.93 -11.04
C GLY A 271 -5.05 -14.01 -11.34
N ASN A 272 -5.45 -14.03 -12.60
CA ASN A 272 -6.88 -13.93 -12.95
C ASN A 272 -7.34 -15.22 -13.66
N LEU A 273 -6.48 -16.25 -13.72
CA LEU A 273 -6.75 -17.50 -14.49
C LEU A 273 -7.26 -18.56 -13.52
N LYS A 274 -7.57 -19.76 -14.05
CA LYS A 274 -8.20 -20.86 -13.27
C LYS A 274 -7.37 -21.11 -12.01
N ASN A 275 -6.04 -21.09 -12.13
CA ASN A 275 -5.15 -21.48 -11.02
C ASN A 275 -4.83 -20.28 -10.12
N GLY A 276 -5.42 -19.12 -10.37
CA GLY A 276 -5.33 -17.99 -9.44
C GLY A 276 -3.88 -17.59 -9.18
N VAL A 277 -3.55 -17.38 -7.92
CA VAL A 277 -2.21 -16.89 -7.48
C VAL A 277 -1.13 -17.97 -7.70
N ASN A 278 -1.49 -19.24 -7.79
CA ASN A 278 -0.49 -20.32 -8.01
C ASN A 278 0.18 -20.16 -9.37
N ASP A 279 -0.48 -19.58 -10.38
CA ASP A 279 0.24 -19.31 -11.65
C ASP A 279 1.45 -18.42 -11.35
N ILE A 280 1.32 -17.50 -10.40
CA ILE A 280 2.42 -16.56 -10.07
C ILE A 280 3.43 -17.28 -9.18
N LYS A 281 2.94 -17.91 -8.12
CA LYS A 281 3.80 -18.59 -7.11
C LYS A 281 4.67 -19.70 -7.75
N ASN A 282 4.18 -20.36 -8.81
CA ASN A 282 4.88 -21.53 -9.44
C ASN A 282 5.59 -21.07 -10.71
N HIS A 283 5.56 -19.78 -11.02
CA HIS A 283 6.37 -19.29 -12.16
C HIS A 283 7.87 -19.52 -11.87
N LYS A 284 8.64 -19.75 -12.93
CA LYS A 284 10.09 -20.03 -12.83
C LYS A 284 10.84 -18.88 -12.15
N TRP A 285 10.42 -17.63 -12.30
CA TRP A 285 11.15 -16.51 -11.67
C TRP A 285 11.16 -16.70 -10.15
N PHE A 286 10.12 -17.30 -9.60
CA PHE A 286 9.95 -17.58 -8.16
C PHE A 286 10.42 -19.00 -7.77
N ALA A 287 11.07 -19.73 -8.68
CA ALA A 287 11.52 -21.12 -8.44
C ALA A 287 12.25 -21.24 -7.08
N THR A 288 13.17 -20.33 -6.79
CA THR A 288 14.05 -20.41 -5.59
C THR A 288 13.35 -19.86 -4.34
N THR A 289 12.09 -19.42 -4.47
CA THR A 289 11.37 -18.75 -3.35
C THR A 289 10.67 -19.79 -2.46
N ASP A 290 10.93 -19.70 -1.16
CA ASP A 290 10.26 -20.53 -0.12
C ASP A 290 9.12 -19.70 0.46
N TRP A 291 7.92 -19.93 -0.05
CA TRP A 291 6.72 -19.11 0.26
C TRP A 291 6.39 -19.17 1.75
N ILE A 292 6.55 -20.33 2.39
CA ILE A 292 6.26 -20.46 3.85
C ILE A 292 7.30 -19.65 4.63
N ALA A 293 8.57 -19.78 4.24
CA ALA A 293 9.69 -19.12 4.90
C ALA A 293 9.55 -17.59 4.77
N ILE A 294 9.06 -17.11 3.62
CA ILE A 294 8.81 -15.65 3.41
C ILE A 294 7.69 -15.23 4.35
N TYR A 295 6.58 -15.94 4.33
CA TYR A 295 5.44 -15.67 5.24
C TYR A 295 5.91 -15.67 6.70
N GLN A 296 6.82 -16.57 7.07
CA GLN A 296 7.26 -16.74 8.49
C GLN A 296 8.40 -15.77 8.78
N ARG A 297 8.77 -14.97 7.78
CA ARG A 297 9.77 -13.90 7.95
C ARG A 297 11.07 -14.56 8.41
N LYS A 298 11.38 -15.72 7.86
CA LYS A 298 12.58 -16.50 8.23
C LYS A 298 13.66 -16.27 7.19
N VAL A 299 13.32 -15.72 6.03
CA VAL A 299 14.34 -15.43 5.00
C VAL A 299 15.11 -14.18 5.41
N GLU A 300 16.42 -14.19 5.19
CA GLU A 300 17.31 -13.06 5.51
C GLU A 300 17.11 -11.99 4.44
N ALA A 301 16.79 -10.79 4.88
CA ALA A 301 16.50 -9.69 3.96
C ALA A 301 17.77 -9.39 3.18
N PRO A 302 17.65 -9.01 1.89
CA PRO A 302 18.81 -8.57 1.12
C PRO A 302 19.42 -7.24 1.60
N PHE A 303 18.69 -6.51 2.44
CA PHE A 303 19.04 -5.15 2.85
C PHE A 303 18.27 -4.77 4.10
N ILE A 304 18.97 -4.23 5.09
CA ILE A 304 18.37 -3.72 6.35
C ILE A 304 18.62 -2.21 6.37
N PRO A 305 17.60 -1.35 6.46
CA PRO A 305 17.85 0.09 6.55
C PRO A 305 18.68 0.40 7.80
N LYS A 306 19.54 1.39 7.70
CA LYS A 306 20.31 1.91 8.85
C LYS A 306 19.30 2.44 9.85
N PHE A 307 19.38 1.98 11.09
CA PHE A 307 18.44 2.39 12.16
CA PHE A 307 18.45 2.37 12.18
C PHE A 307 19.28 2.91 13.33
N LYS A 308 19.23 4.23 13.52
CA LYS A 308 19.95 4.98 14.58
C LYS A 308 19.02 5.24 15.76
N GLY A 309 18.41 4.19 16.34
CA GLY A 309 17.73 4.24 17.65
C GLY A 309 16.24 4.52 17.55
N PRO A 310 15.48 4.45 18.67
CA PRO A 310 14.03 4.53 18.58
C PRO A 310 13.73 5.90 17.96
N GLY A 311 12.75 5.96 17.06
CA GLY A 311 12.28 7.25 16.54
C GLY A 311 13.24 7.91 15.58
N ASP A 312 14.22 7.18 15.02
CA ASP A 312 15.05 7.67 13.90
C ASP A 312 14.17 7.92 12.66
N THR A 313 14.25 9.11 12.08
CA THR A 313 13.46 9.50 10.90
C THR A 313 14.39 9.81 9.73
N SER A 314 15.66 9.38 9.81
CA SER A 314 16.68 9.73 8.79
C SER A 314 16.31 9.09 7.44
N ASN A 315 15.54 8.01 7.43
CA ASN A 315 15.13 7.37 6.16
C ASN A 315 13.98 8.10 5.48
N PHE A 316 13.40 9.11 6.13
CA PHE A 316 12.19 9.81 5.66
C PHE A 316 12.60 11.17 5.16
N ASP A 317 11.79 11.73 4.26
CA ASP A 317 12.05 13.08 3.71
C ASP A 317 11.57 14.12 4.71
N ASP A 318 12.04 15.36 4.55
CA ASP A 318 11.66 16.50 5.41
C ASP A 318 10.52 17.23 4.74
N TYR A 319 9.46 17.44 5.51
CA TYR A 319 8.27 18.20 5.12
C TYR A 319 8.14 19.38 6.09
N GLU A 320 7.48 20.44 5.66
CA GLU A 320 7.23 21.63 6.50
C GLU A 320 6.31 21.26 7.67
N GLU A 321 6.73 21.66 8.87
CA GLU A 321 6.05 21.31 10.15
C GLU A 321 5.04 22.39 10.46
N GLU A 322 3.77 22.08 10.26
CA GLU A 322 2.68 23.03 10.54
C GLU A 322 2.09 22.77 11.91
N GLU A 323 1.38 23.75 12.44
CA GLU A 323 0.66 23.56 13.70
C GLU A 323 -0.56 22.69 13.45
N ILE A 324 -0.83 21.80 14.39
CA ILE A 324 -2.03 20.94 14.43
C ILE A 324 -3.09 21.71 15.22
N ARG A 325 -3.85 22.55 14.51
N ARG A 325 -3.87 22.55 14.53
CA ARG A 325 -4.93 23.37 15.12
CA ARG A 325 -4.91 23.40 15.17
C ARG A 325 -6.15 22.48 15.36
C ARG A 325 -6.18 22.57 15.36
N VAL A 326 -6.61 22.42 16.62
CA VAL A 326 -7.87 21.73 17.02
C VAL A 326 -8.84 22.80 17.48
N SEP A 327 -9.99 22.86 16.81
CA SEP A 327 -11.00 23.85 17.07
CB SEP A 327 -12.09 23.71 16.03
OG SEP A 327 -13.07 24.74 16.25
C SEP A 327 -11.58 23.71 18.47
O SEP A 327 -11.53 22.63 19.06
P SEP A 327 -12.78 26.24 15.72
O1P SEP A 327 -12.19 26.95 16.92
O2P SEP A 327 -14.16 26.73 15.37
O3P SEP A 327 -11.86 26.22 14.51
N ILE A 328 -12.16 24.81 18.98
CA ILE A 328 -12.87 24.83 20.26
C ILE A 328 -14.28 24.25 20.05
N ASN A 329 -14.76 24.29 18.80
CA ASN A 329 -16.09 23.79 18.38
C ASN A 329 -15.93 22.52 17.55
N GLU A 330 -16.74 21.51 17.83
CA GLU A 330 -16.76 20.27 17.02
C GLU A 330 -17.29 20.61 15.64
N LYS A 331 -16.67 20.06 14.59
CA LYS A 331 -17.08 20.19 13.17
C LYS A 331 -17.41 18.82 12.60
N CYS A 332 -18.45 18.75 11.76
CA CYS A 332 -18.81 17.58 10.93
C CYS A 332 -19.09 16.34 11.78
N GLY A 333 -19.48 16.55 13.04
CA GLY A 333 -19.66 15.47 14.03
C GLY A 333 -20.62 14.41 13.52
N LYS A 334 -21.71 14.85 12.88
CA LYS A 334 -22.74 13.98 12.28
C LYS A 334 -22.05 12.98 11.34
N GLU A 335 -21.29 13.50 10.38
CA GLU A 335 -20.74 12.77 9.20
C GLU A 335 -19.77 11.66 9.62
N PHE A 336 -19.08 11.80 10.76
CA PHE A 336 -18.01 10.87 11.18
C PHE A 336 -18.36 10.19 12.51
N THR A 337 -19.66 10.04 12.79
CA THR A 337 -20.20 9.24 13.93
C THR A 337 -19.51 7.86 13.98
N GLU A 338 -19.54 7.15 12.84
CA GLU A 338 -19.09 5.74 12.68
C GLU A 338 -17.57 5.58 12.92
N PHE A 339 -16.77 6.63 12.78
CA PHE A 339 -15.29 6.57 12.93
C PHE A 339 -14.88 6.33 14.40
N LEU B 1 12.88 11.09 -20.95
CA LEU B 1 13.51 11.27 -19.61
C LEU B 1 12.46 11.08 -18.52
N TYR B 2 12.59 10.00 -17.75
CA TYR B 2 11.62 9.66 -16.70
C TYR B 2 11.78 10.64 -15.54
N ASN B 3 10.65 11.17 -15.09
CA ASN B 3 10.61 12.03 -13.90
C ASN B 3 10.57 11.14 -12.65
N ARG B 4 11.61 11.19 -11.80
CA ARG B 4 11.75 10.21 -10.68
C ARG B 4 11.13 10.74 -9.40
N THR B 5 10.44 11.88 -9.45
CA THR B 5 9.69 12.46 -8.32
C THR B 5 8.59 11.51 -7.84
N ARG B 6 8.31 11.57 -6.53
CA ARG B 6 7.29 10.73 -5.86
C ARG B 6 5.92 11.06 -6.48
N ARG B 7 5.06 10.06 -6.56
CA ARG B 7 3.80 10.11 -7.33
C ARG B 7 2.60 10.27 -6.37
N ILE B 8 1.65 11.08 -6.80
CA ILE B 8 0.37 11.37 -6.14
C ILE B 8 -0.69 10.39 -6.64
N SER B 9 -1.44 9.83 -5.72
CA SER B 9 -2.61 8.97 -6.00
C SER B 9 -3.88 9.80 -5.79
N GLN B 10 -4.86 9.59 -6.64
CA GLN B 10 -6.10 10.42 -6.73
C GLN B 10 -7.27 9.52 -7.07
N THR B 11 -8.46 9.92 -6.65
CA THR B 11 -9.71 9.19 -6.94
C THR B 11 -10.62 10.16 -7.67
N SER B 12 -11.13 9.69 -8.81
CA SER B 12 -11.73 10.46 -9.94
C SER B 12 -10.73 11.50 -10.44
MG MG C . -0.60 7.11 0.15
PG ANP D . 1.26 9.71 -0.29
O1G ANP D . 1.01 10.41 -1.62
O2G ANP D . 0.94 8.20 -0.42
O3G ANP D . 2.65 9.98 0.23
PB ANP D . -1.18 9.84 1.48
O1B ANP D . -2.09 10.95 1.91
O2B ANP D . -1.79 8.71 0.66
N3B ANP D . 0.22 10.38 0.81
PA ANP D . -0.23 7.77 3.32
O1A ANP D . -1.18 7.12 4.26
O2A ANP D . 0.20 7.09 2.07
O3A ANP D . -0.77 9.24 2.94
O5' ANP D . 1.13 8.11 4.11
C5' ANP D . 2.02 9.08 3.55
C4' ANP D . 3.42 8.75 3.99
O4' ANP D . 3.46 8.75 5.44
C3' ANP D . 3.90 7.35 3.62
O3' ANP D . 4.33 7.25 2.28
C2' ANP D . 5.05 7.19 4.63
O2' ANP D . 6.21 7.85 4.21
C1' ANP D . 4.45 7.83 5.88
N9 ANP D . 3.82 6.78 6.66
C8 ANP D . 2.53 6.32 6.58
N7 ANP D . 2.28 5.34 7.42
C5 ANP D . 3.48 5.15 8.10
C6 ANP D . 3.86 4.25 9.13
N6 ANP D . 3.05 3.33 9.66
N1 ANP D . 5.15 4.29 9.54
C2 ANP D . 5.97 5.21 9.01
N3 ANP D . 5.71 6.12 8.07
C4 ANP D . 4.44 6.02 7.64
C1 EDO E . -4.98 8.81 -11.52
O1 EDO E . -4.68 10.04 -10.88
C2 EDO E . -6.41 8.43 -11.28
O2 EDO E . -7.31 9.47 -11.68
#